data_4L1K
#
_entry.id   4L1K
#
_cell.length_a   83.018
_cell.length_b   83.018
_cell.length_c   97.364
_cell.angle_alpha   90.00
_cell.angle_beta   90.00
_cell.angle_gamma   90.00
#
_symmetry.space_group_name_H-M   'P 43 21 2'
#
loop_
_entity.id
_entity.type
_entity.pdbx_description
1 polymer 'D-alanine--D-alanine ligase'
2 non-polymer 'PHOSPHOAMINOPHOSPHONIC ACID-ADENYLATE ESTER'
3 non-polymer 'MAGNESIUM ION'
4 water water
#
_entity_poly.entity_id   1
_entity_poly.type   'polypeptide(L)'
_entity_poly.pdbx_seq_one_letter_code
;HHHHHHHSSENLYFQGHMRKIRVGLIFGGKSAEHEVSLQSARNILDALDPQRFEPVLIGIDKQGQWHVNDPDSFLLHADD
PARIALHRSGRGVALLPGAQQQQLRPIQPEQALAQIDVVFPIVHGTLGEDGSLQGLLRMANLPFVGSGVLGSAVAMDKDM
AKRVLRDARLAVAPFVCFDRHTAAHADVDTLIAQLGLPLFVKPANQGSSVGVSQVRTADAFAAALALALAYDHKVLVEAA
VAGREIECAVLGNAVPHASVCGEVVVHDAFYSYATKYISEHGAEIVIPADIDAQTQQRIQQIAVQAYQALGCAGMARVDV
FLCADGRIVINEVNTLPGFTRISVYPKLWQASGLDYRGLITRLIELALERHTDDQLLRSAVELH
;
_entity_poly.pdbx_strand_id   A
#
loop_
_chem_comp.id
_chem_comp.type
_chem_comp.name
_chem_comp.formula
ANP non-polymer 'PHOSPHOAMINOPHOSPHONIC ACID-ADENYLATE ESTER' 'C10 H17 N6 O12 P3'
MG non-polymer 'MAGNESIUM ION' 'Mg 2'
#
# COMPACT_ATOMS: atom_id res chain seq x y z
N ARG A 19 -28.95 -8.13 -8.15
CA ARG A 19 -27.61 -8.38 -8.66
C ARG A 19 -26.70 -7.17 -8.57
N LYS A 20 -27.15 -6.09 -7.99
CA LYS A 20 -26.21 -5.05 -7.66
C LYS A 20 -25.33 -5.60 -6.57
N ILE A 21 -24.02 -5.49 -6.69
CA ILE A 21 -23.17 -6.04 -5.64
C ILE A 21 -22.80 -5.09 -4.51
N ARG A 22 -22.76 -5.63 -3.31
CA ARG A 22 -22.46 -4.84 -2.14
C ARG A 22 -20.97 -4.74 -1.95
N VAL A 23 -20.51 -3.53 -1.74
CA VAL A 23 -19.09 -3.27 -1.71
C VAL A 23 -18.81 -2.74 -0.35
N GLY A 24 -18.12 -3.54 0.45
CA GLY A 24 -17.78 -3.17 1.84
C GLY A 24 -16.51 -2.38 1.81
N LEU A 25 -16.60 -1.08 2.10
CA LEU A 25 -15.43 -0.21 2.14
C LEU A 25 -14.93 -0.16 3.54
N ILE A 26 -13.72 -0.59 3.78
CA ILE A 26 -13.15 -0.53 5.09
C ILE A 26 -12.00 0.42 5.11
N PHE A 27 -12.08 1.42 5.95
CA PHE A 27 -11.20 2.55 5.81
C PHE A 27 -10.86 3.15 7.12
N GLY A 28 -9.84 3.96 7.15
CA GLY A 28 -9.41 4.61 8.35
C GLY A 28 -8.16 4.03 8.95
N GLY A 29 -8.14 3.80 10.24
CA GLY A 29 -6.98 3.20 10.88
C GLY A 29 -6.06 4.07 11.70
N LYS A 30 -5.25 3.43 12.53
CA LYS A 30 -4.25 4.10 13.33
C LYS A 30 -3.07 4.24 12.45
N SER A 31 -2.98 5.39 11.84
CA SER A 31 -1.98 5.64 10.88
C SER A 31 -1.95 7.12 10.80
N ALA A 32 -0.80 7.64 10.51
CA ALA A 32 -0.61 9.02 10.18
C ALA A 32 -1.38 9.29 8.92
N GLU A 33 -1.49 8.27 8.10
CA GLU A 33 -2.26 8.35 6.85
C GLU A 33 -3.75 8.16 7.05
N HIS A 34 -4.22 8.25 8.29
CA HIS A 34 -5.64 8.09 8.57
C HIS A 34 -6.51 8.99 7.68
N GLU A 35 -6.20 10.28 7.61
CA GLU A 35 -6.99 11.29 6.88
C GLU A 35 -7.00 11.09 5.36
N VAL A 36 -5.91 10.60 4.82
CA VAL A 36 -5.82 10.10 3.44
C VAL A 36 -6.83 8.95 3.18
N SER A 37 -7.02 8.05 4.17
CA SER A 37 -7.92 6.90 4.00
C SER A 37 -9.38 7.40 3.99
N LEU A 38 -9.62 8.39 4.85
CA LEU A 38 -10.89 9.10 4.84
C LEU A 38 -11.21 9.67 3.46
N GLN A 39 -10.29 10.47 2.90
CA GLN A 39 -10.52 11.11 1.61
C GLN A 39 -10.64 10.06 0.50
N SER A 40 -9.82 9.03 0.57
CA SER A 40 -9.89 7.88 -0.35
C SER A 40 -11.27 7.29 -0.37
N ALA A 41 -11.86 7.09 0.80
CA ALA A 41 -13.17 6.43 0.92
C ALA A 41 -14.25 7.31 0.37
N ARG A 42 -14.12 8.60 0.64
CA ARG A 42 -15.03 9.61 0.10
C ARG A 42 -15.06 9.54 -1.43
N ASN A 43 -13.88 9.44 -2.03
CA ASN A 43 -13.73 9.51 -3.47
C ASN A 43 -14.15 8.23 -4.18
N ILE A 44 -13.82 7.09 -3.56
CA ILE A 44 -14.23 5.81 -4.08
C ILE A 44 -15.77 5.76 -4.08
N LEU A 45 -16.37 6.24 -3.00
CA LEU A 45 -17.79 6.33 -2.88
C LEU A 45 -18.47 7.09 -3.99
N ASP A 46 -17.83 8.13 -4.50
CA ASP A 46 -18.49 8.98 -5.45
C ASP A 46 -18.25 8.43 -6.82
N ALA A 47 -17.21 7.62 -6.98
CA ALA A 47 -16.98 7.08 -8.29
C ALA A 47 -17.57 5.70 -8.46
N LEU A 48 -18.13 5.14 -7.40
CA LEU A 48 -18.64 3.77 -7.47
C LEU A 48 -19.79 3.68 -8.46
N ASP A 49 -19.63 2.90 -9.53
CA ASP A 49 -20.67 2.74 -10.56
C ASP A 49 -22.00 2.37 -9.93
N PRO A 50 -23.01 3.27 -9.97
CA PRO A 50 -24.26 2.99 -9.23
C PRO A 50 -25.12 1.90 -9.89
N GLN A 51 -24.88 1.63 -11.18
CA GLN A 51 -25.48 0.49 -11.88
C GLN A 51 -25.06 -0.87 -11.31
N ARG A 52 -23.87 -0.92 -10.68
CA ARG A 52 -23.30 -2.21 -10.28
C ARG A 52 -23.13 -2.40 -8.77
N PHE A 53 -22.98 -1.31 -8.04
CA PHE A 53 -22.50 -1.39 -6.67
C PHE A 53 -23.28 -0.54 -5.70
N GLU A 54 -23.53 -1.08 -4.51
CA GLU A 54 -24.01 -0.37 -3.35
C GLU A 54 -22.93 -0.44 -2.33
N PRO A 55 -22.66 0.65 -1.63
CA PRO A 55 -21.58 0.65 -0.64
C PRO A 55 -22.04 0.28 0.74
N VAL A 56 -21.13 -0.29 1.54
CA VAL A 56 -21.35 -0.41 2.98
C VAL A 56 -20.10 0.19 3.58
N LEU A 57 -20.30 1.05 4.55
CA LEU A 57 -19.21 1.85 5.09
C LEU A 57 -18.77 1.37 6.47
N ILE A 58 -17.55 0.84 6.56
CA ILE A 58 -16.95 0.51 7.87
C ILE A 58 -15.68 1.28 8.13
N GLY A 59 -15.73 2.21 9.07
CA GLY A 59 -14.57 3.03 9.40
C GLY A 59 -13.89 2.60 10.68
N ILE A 60 -12.57 2.71 10.69
CA ILE A 60 -11.76 2.33 11.84
C ILE A 60 -11.12 3.57 12.46
N ASP A 61 -11.43 3.88 13.70
CA ASP A 61 -10.89 5.06 14.31
C ASP A 61 -9.41 4.91 14.69
N LYS A 62 -8.76 5.96 15.14
CA LYS A 62 -7.33 6.06 15.38
C LYS A 62 -6.92 5.14 16.51
N GLN A 63 -7.89 4.69 17.29
CA GLN A 63 -7.69 3.76 18.39
C GLN A 63 -7.82 2.26 18.00
N GLY A 64 -8.35 2.00 16.81
CA GLY A 64 -8.56 0.66 16.28
C GLY A 64 -9.98 0.16 16.29
N GLN A 65 -10.92 1.03 16.70
CA GLN A 65 -12.32 0.63 16.84
C GLN A 65 -13.05 0.80 15.52
N TRP A 66 -13.87 -0.20 15.19
CA TRP A 66 -14.63 -0.30 13.97
C TRP A 66 -16.01 0.29 14.20
N HIS A 67 -16.54 1.04 13.21
CA HIS A 67 -17.85 1.72 13.31
C HIS A 67 -18.56 1.64 11.97
N VAL A 68 -19.78 1.13 11.94
CA VAL A 68 -20.53 1.18 10.70
C VAL A 68 -21.04 2.60 10.51
N ASN A 69 -21.09 3.06 9.26
CA ASN A 69 -21.73 4.34 8.95
C ASN A 69 -22.64 4.38 7.75
N ASP A 70 -23.53 5.34 7.78
CA ASP A 70 -24.34 5.67 6.66
C ASP A 70 -23.52 6.50 5.71
N PRO A 71 -23.77 6.32 4.43
CA PRO A 71 -22.98 6.96 3.40
C PRO A 71 -23.05 8.45 3.47
N ASP A 72 -24.13 9.06 3.87
CA ASP A 72 -24.09 10.48 3.97
C ASP A 72 -23.56 11.05 5.27
N SER A 73 -23.30 10.19 6.25
CA SER A 73 -22.77 10.66 7.51
C SER A 73 -21.66 9.86 8.06
N PHE A 74 -20.77 9.37 7.25
CA PHE A 74 -19.54 8.82 7.74
C PHE A 74 -18.50 9.78 8.31
N LEU A 75 -18.45 10.99 7.76
CA LEU A 75 -17.40 11.96 8.10
C LEU A 75 -17.83 13.17 8.93
N LEU A 76 -16.91 13.70 9.72
CA LEU A 76 -17.11 14.98 10.40
C LEU A 76 -16.21 15.97 9.68
N HIS A 77 -16.69 17.18 9.41
CA HIS A 77 -15.89 18.21 8.68
C HIS A 77 -15.34 17.69 7.35
N ALA A 78 -16.15 16.90 6.63
CA ALA A 78 -15.75 16.25 5.37
C ALA A 78 -15.07 17.23 4.46
N ASP A 79 -15.54 18.47 4.49
CA ASP A 79 -15.02 19.47 3.56
C ASP A 79 -13.87 20.35 4.10
N ASP A 80 -13.39 20.08 5.31
CA ASP A 80 -12.22 20.80 5.89
C ASP A 80 -11.10 19.77 6.09
N PRO A 81 -10.12 19.73 5.15
CA PRO A 81 -9.04 18.73 5.19
C PRO A 81 -8.14 18.83 6.41
N ALA A 82 -8.08 20.00 7.04
CA ALA A 82 -7.37 20.13 8.33
C ALA A 82 -8.22 19.54 9.47
N ARG A 83 -9.54 19.54 9.33
CA ARG A 83 -10.40 18.98 10.37
C ARG A 83 -11.19 17.65 10.11
N ILE A 84 -11.16 17.15 8.88
CA ILE A 84 -11.89 15.93 8.47
C ILE A 84 -11.67 14.73 9.43
N ALA A 85 -12.77 14.12 9.86
CA ALA A 85 -12.70 13.06 10.86
C ALA A 85 -13.78 12.02 10.64
N LEU A 86 -13.53 10.80 11.12
CA LEU A 86 -14.53 9.74 11.13
C LEU A 86 -15.63 9.98 12.16
N HIS A 87 -16.88 9.84 11.75
CA HIS A 87 -18.00 9.77 12.71
C HIS A 87 -17.96 8.41 13.41
N ARG A 88 -17.56 8.44 14.68
CA ARG A 88 -17.49 7.24 15.51
C ARG A 88 -18.91 6.91 15.97
N SER A 89 -19.68 6.33 15.05
CA SER A 89 -21.08 6.06 15.27
C SER A 89 -21.32 5.05 16.41
N GLY A 90 -20.26 4.35 16.83
CA GLY A 90 -20.32 3.34 17.86
C GLY A 90 -21.14 2.13 17.46
N ARG A 91 -21.46 2.00 16.17
CA ARG A 91 -22.12 0.82 15.61
C ARG A 91 -21.06 -0.25 15.33
N GLY A 92 -20.86 -1.14 16.29
CA GLY A 92 -19.72 -2.03 16.29
C GLY A 92 -19.86 -3.18 15.32
N VAL A 93 -18.74 -3.86 15.04
CA VAL A 93 -18.69 -4.95 14.05
C VAL A 93 -18.25 -6.30 14.64
N ALA A 94 -18.93 -7.37 14.27
CA ALA A 94 -18.58 -8.72 14.60
C ALA A 94 -18.26 -9.45 13.29
N LEU A 95 -17.25 -10.31 13.39
CA LEU A 95 -16.80 -11.07 12.30
C LEU A 95 -17.07 -12.52 12.67
N LEU A 96 -17.71 -13.23 11.77
CA LEU A 96 -18.05 -14.59 12.07
C LEU A 96 -17.10 -15.50 11.35
N PRO A 97 -16.03 -15.92 12.03
CA PRO A 97 -14.98 -16.76 11.44
C PRO A 97 -15.57 -18.05 10.86
N GLY A 98 -15.23 -18.36 9.62
CA GLY A 98 -15.84 -19.51 8.93
C GLY A 98 -17.32 -19.41 8.58
N ALA A 99 -17.94 -18.24 8.81
CA ALA A 99 -19.28 -17.98 8.28
C ALA A 99 -19.19 -17.87 6.77
N GLN A 100 -20.26 -18.29 6.11
CA GLN A 100 -20.31 -18.29 4.65
C GLN A 100 -21.22 -17.15 4.17
N GLN A 101 -21.96 -16.52 5.09
CA GLN A 101 -23.02 -15.57 4.82
C GLN A 101 -23.16 -14.60 5.99
N GLN A 102 -23.47 -13.34 5.73
CA GLN A 102 -23.45 -12.31 6.79
C GLN A 102 -22.21 -12.47 7.73
N GLN A 103 -21.03 -12.63 7.12
CA GLN A 103 -19.80 -12.84 7.91
C GLN A 103 -19.45 -11.66 8.79
N LEU A 104 -19.85 -10.46 8.34
CA LEU A 104 -19.76 -9.23 9.11
C LEU A 104 -21.10 -8.86 9.62
N ARG A 105 -21.20 -8.82 10.94
CA ARG A 105 -22.45 -8.64 11.64
C ARG A 105 -22.35 -7.48 12.60
N PRO A 106 -23.51 -6.87 12.90
CA PRO A 106 -23.48 -5.79 13.85
C PRO A 106 -23.69 -6.34 15.26
N ILE A 107 -22.83 -5.93 16.17
CA ILE A 107 -23.13 -5.95 17.59
C ILE A 107 -24.25 -4.91 17.68
N GLN A 108 -25.32 -5.22 18.44
CA GLN A 108 -26.59 -4.44 18.47
C GLN A 108 -27.54 -4.83 17.32
N GLN A 111 -28.60 -3.82 14.22
CA GLN A 111 -29.56 -4.93 14.20
C GLN A 111 -29.22 -5.87 13.03
N ALA A 112 -29.09 -5.27 11.85
CA ALA A 112 -28.65 -6.00 10.65
C ALA A 112 -27.89 -5.03 9.73
N LEU A 113 -27.07 -5.62 8.88
CA LEU A 113 -26.07 -4.95 8.04
C LEU A 113 -26.15 -5.72 6.73
N ALA A 114 -26.22 -5.00 5.60
CA ALA A 114 -26.32 -5.66 4.29
C ALA A 114 -25.25 -6.72 4.13
N GLN A 115 -25.60 -7.82 3.46
CA GLN A 115 -24.61 -8.77 3.05
C GLN A 115 -23.55 -7.99 2.30
N ILE A 116 -22.27 -8.22 2.59
CA ILE A 116 -21.17 -7.63 1.81
C ILE A 116 -20.73 -8.67 0.77
N ASP A 117 -20.58 -8.26 -0.47
CA ASP A 117 -20.11 -9.21 -1.49
C ASP A 117 -18.62 -9.10 -1.78
N VAL A 118 -18.07 -7.90 -1.67
CA VAL A 118 -16.64 -7.70 -1.85
C VAL A 118 -16.20 -6.57 -0.94
N VAL A 119 -15.03 -6.74 -0.33
CA VAL A 119 -14.44 -5.71 0.54
C VAL A 119 -13.39 -5.00 -0.28
N PHE A 120 -13.37 -3.68 -0.18
CA PHE A 120 -12.33 -2.83 -0.73
C PHE A 120 -11.64 -2.33 0.54
N PRO A 121 -10.54 -2.96 0.95
CA PRO A 121 -9.86 -2.46 2.15
C PRO A 121 -8.88 -1.32 1.84
N ILE A 122 -8.99 -0.21 2.55
CA ILE A 122 -8.02 0.88 2.35
C ILE A 122 -7.56 1.34 3.71
N VAL A 123 -7.23 0.39 4.55
CA VAL A 123 -6.78 0.72 5.88
C VAL A 123 -5.27 0.84 5.90
N HIS A 124 -4.84 2.07 6.13
CA HIS A 124 -3.42 2.40 6.26
C HIS A 124 -3.01 2.15 7.72
N GLY A 125 -1.74 1.90 7.95
CA GLY A 125 -1.31 1.38 9.24
C GLY A 125 -0.75 -0.01 9.05
N THR A 126 -0.17 -0.55 10.12
CA THR A 126 0.49 -1.83 10.09
C THR A 126 -0.51 -2.96 9.79
N LEU A 127 -1.60 -3.02 10.55
CA LEU A 127 -2.51 -4.14 10.40
C LEU A 127 -3.26 -4.17 9.06
N GLY A 128 -3.53 -3.00 8.51
CA GLY A 128 -4.33 -2.90 7.27
C GLY A 128 -3.54 -3.31 6.04
N GLU A 129 -2.22 -3.26 6.16
CA GLU A 129 -1.33 -3.39 5.01
C GLU A 129 -0.43 -4.57 5.05
N ASP A 130 -0.29 -5.22 6.21
CA ASP A 130 0.74 -6.25 6.42
C ASP A 130 0.23 -7.66 6.23
N GLY A 131 -1.02 -7.79 5.78
CA GLY A 131 -1.61 -9.09 5.50
C GLY A 131 -2.47 -9.52 6.64
N SER A 132 -2.48 -8.76 7.73
CA SER A 132 -3.27 -9.11 8.88
C SER A 132 -4.77 -8.93 8.57
N LEU A 133 -5.19 -7.75 8.11
CA LEU A 133 -6.57 -7.52 7.70
C LEU A 133 -7.00 -8.55 6.61
N GLN A 134 -6.10 -8.80 5.68
CA GLN A 134 -6.31 -9.71 4.58
C GLN A 134 -6.59 -11.10 5.09
N GLY A 135 -5.85 -11.54 6.12
CA GLY A 135 -6.14 -12.83 6.70
C GLY A 135 -7.49 -12.88 7.39
N LEU A 136 -7.85 -11.77 8.00
CA LEU A 136 -9.14 -11.73 8.70
C LEU A 136 -10.22 -11.86 7.61
N LEU A 137 -10.02 -11.21 6.45
CA LEU A 137 -11.04 -11.25 5.40
C LEU A 137 -11.09 -12.62 4.74
N ARG A 138 -9.93 -13.27 4.63
CA ARG A 138 -9.90 -14.64 4.16
C ARG A 138 -10.61 -15.59 5.08
N MET A 139 -10.45 -15.38 6.38
CA MET A 139 -11.08 -16.24 7.38
C MET A 139 -12.58 -16.08 7.29
N ALA A 140 -13.04 -14.98 6.71
CA ALA A 140 -14.46 -14.81 6.67
C ALA A 140 -14.97 -15.08 5.29
N ASN A 141 -14.15 -15.67 4.42
CA ASN A 141 -14.56 -16.05 3.08
C ASN A 141 -15.13 -14.87 2.28
N LEU A 142 -14.54 -13.69 2.47
CA LEU A 142 -14.95 -12.46 1.78
C LEU A 142 -13.96 -12.19 0.70
N PRO A 143 -14.46 -11.91 -0.51
CA PRO A 143 -13.57 -11.46 -1.55
C PRO A 143 -13.10 -10.06 -1.21
N PHE A 144 -11.87 -9.73 -1.58
CA PHE A 144 -11.38 -8.41 -1.23
C PHE A 144 -10.39 -7.89 -2.22
N VAL A 145 -10.35 -6.57 -2.39
CA VAL A 145 -9.47 -5.96 -3.38
C VAL A 145 -8.02 -5.93 -2.87
N GLY A 146 -7.04 -6.14 -3.77
CA GLY A 146 -5.62 -6.00 -3.40
C GLY A 146 -4.89 -7.28 -3.12
N SER A 147 -3.64 -7.15 -2.66
CA SER A 147 -2.81 -8.32 -2.50
C SER A 147 -3.35 -9.24 -1.41
N GLY A 148 -3.13 -10.54 -1.54
CA GLY A 148 -3.53 -11.44 -0.48
C GLY A 148 -2.58 -11.36 0.69
N VAL A 149 -2.51 -12.43 1.47
CA VAL A 149 -1.82 -12.41 2.73
C VAL A 149 -0.31 -12.33 2.50
N LEU A 150 0.19 -13.26 1.67
CA LEU A 150 1.57 -13.31 1.23
C LEU A 150 2.08 -12.04 0.54
N GLY A 151 1.48 -11.63 -0.58
CA GLY A 151 1.92 -10.43 -1.25
C GLY A 151 1.95 -9.19 -0.33
N SER A 152 0.95 -9.02 0.53
CA SER A 152 0.90 -7.89 1.46
C SER A 152 2.01 -7.97 2.50
N ALA A 153 2.11 -9.11 3.16
CA ALA A 153 3.11 -9.33 4.19
C ALA A 153 4.52 -9.13 3.64
N VAL A 154 4.84 -9.76 2.51
CA VAL A 154 6.16 -9.63 1.86
C VAL A 154 6.53 -8.20 1.37
N ALA A 155 5.60 -7.55 0.67
CA ALA A 155 5.87 -6.21 0.13
C ALA A 155 6.05 -5.20 1.30
N MET A 156 5.25 -5.37 2.35
CA MET A 156 5.33 -4.52 3.54
C MET A 156 6.69 -4.67 4.26
N ASP A 157 7.22 -5.89 4.32
CA ASP A 157 8.49 -6.07 4.98
C ASP A 157 9.60 -5.80 3.96
N LYS A 158 10.14 -4.57 4.04
CA LYS A 158 11.11 -4.07 3.07
C LYS A 158 12.36 -4.89 2.97
N ASP A 159 12.74 -5.51 4.06
CA ASP A 159 13.90 -6.36 4.08
C ASP A 159 13.62 -7.67 3.30
N MET A 160 12.52 -8.32 3.62
CA MET A 160 12.07 -9.51 2.93
C MET A 160 11.84 -9.18 1.46
N ALA A 161 11.17 -8.07 1.22
CA ALA A 161 10.89 -7.65 -0.16
C ALA A 161 12.15 -7.55 -1.00
N LYS A 162 13.16 -6.85 -0.48
CA LYS A 162 14.38 -6.58 -1.28
C LYS A 162 15.14 -7.87 -1.54
N ARG A 163 15.12 -8.76 -0.55
CA ARG A 163 15.70 -10.09 -0.69
C ARG A 163 14.99 -10.95 -1.76
N VAL A 164 13.66 -10.88 -1.79
CA VAL A 164 12.92 -11.55 -2.88
C VAL A 164 13.16 -10.87 -4.23
N LEU A 165 13.22 -9.55 -4.23
CA LEU A 165 13.51 -8.79 -5.46
C LEU A 165 14.92 -9.10 -6.01
N ARG A 166 15.88 -9.10 -5.11
CA ARG A 166 17.26 -9.40 -5.45
C ARG A 166 17.42 -10.79 -6.05
N ASP A 167 16.72 -11.77 -5.46
CA ASP A 167 16.73 -13.15 -5.92
C ASP A 167 16.08 -13.22 -7.29
N ALA A 168 15.19 -12.30 -7.59
CA ALA A 168 14.54 -12.32 -8.89
C ALA A 168 15.46 -11.61 -9.90
N ARG A 169 16.71 -11.36 -9.49
CA ARG A 169 17.67 -10.65 -10.32
C ARG A 169 17.20 -9.24 -10.72
N LEU A 170 16.42 -8.61 -9.84
CA LEU A 170 16.12 -7.19 -9.96
C LEU A 170 17.02 -6.41 -8.99
N ALA A 171 17.37 -5.20 -9.38
CA ALA A 171 18.30 -4.38 -8.62
C ALA A 171 17.56 -3.73 -7.47
N VAL A 172 18.13 -3.81 -6.27
CA VAL A 172 17.62 -3.02 -5.13
C VAL A 172 18.81 -2.26 -4.58
N ALA A 173 18.61 -1.17 -3.80
CA ALA A 173 19.75 -0.55 -3.11
C ALA A 173 20.49 -1.57 -2.25
N PRO A 174 21.82 -1.57 -2.33
CA PRO A 174 22.58 -2.39 -1.39
C PRO A 174 22.36 -1.96 0.09
N PHE A 175 22.48 -2.90 1.03
CA PHE A 175 21.91 -2.70 2.34
C PHE A 175 22.33 -3.71 3.36
N VAL A 176 22.16 -3.32 4.61
CA VAL A 176 22.34 -4.23 5.71
C VAL A 176 21.06 -4.14 6.54
N CYS A 177 20.69 -5.23 7.20
CA CYS A 177 19.50 -5.20 8.04
C CYS A 177 19.93 -5.53 9.46
N PHE A 178 19.62 -4.66 10.40
CA PHE A 178 19.81 -4.94 11.82
C PHE A 178 18.47 -5.13 12.53
N ASP A 179 18.51 -5.95 13.59
CA ASP A 179 17.51 -5.93 14.66
C ASP A 179 18.09 -5.36 15.96
N ARG A 180 17.20 -5.20 16.95
CA ARG A 180 17.53 -4.72 18.28
C ARG A 180 18.68 -5.50 18.88
N HIS A 181 18.67 -6.82 18.68
CA HIS A 181 19.66 -7.71 19.27
C HIS A 181 20.99 -7.79 18.49
N THR A 182 21.10 -6.98 17.42
CA THR A 182 22.31 -6.91 16.59
C THR A 182 22.72 -5.46 16.26
N ALA A 183 21.85 -4.51 16.58
CA ALA A 183 22.12 -3.11 16.29
C ALA A 183 23.17 -2.63 17.28
N ALA A 184 23.00 -3.03 18.55
CA ALA A 184 23.98 -2.72 19.61
C ALA A 184 25.42 -2.94 19.12
N HIS A 185 25.61 -3.92 18.23
CA HIS A 185 26.92 -4.25 17.64
C HIS A 185 27.33 -3.46 16.39
N ALA A 186 26.44 -2.62 15.84
CA ALA A 186 26.69 -2.00 14.52
C ALA A 186 28.05 -1.31 14.40
N ASP A 187 28.82 -1.65 13.36
CA ASP A 187 30.06 -0.91 13.09
C ASP A 187 29.91 0.10 11.97
N VAL A 188 29.95 1.37 12.34
CA VAL A 188 29.69 2.43 11.41
C VAL A 188 30.72 2.48 10.28
N ASP A 189 32.00 2.30 10.64
CA ASP A 189 33.09 2.45 9.66
C ASP A 189 32.95 1.38 8.60
N THR A 190 32.72 0.14 9.03
CA THR A 190 32.48 -0.92 8.07
C THR A 190 31.27 -0.64 7.17
N LEU A 191 30.25 0.02 7.72
CA LEU A 191 29.03 0.35 6.96
C LEU A 191 29.30 1.40 5.87
N ILE A 192 29.96 2.47 6.30
CA ILE A 192 30.43 3.50 5.41
C ILE A 192 31.39 2.91 4.36
N ALA A 193 32.26 1.98 4.76
CA ALA A 193 33.19 1.32 3.84
C ALA A 193 32.45 0.49 2.78
N GLN A 194 31.49 -0.30 3.26
CA GLN A 194 30.56 -1.06 2.44
C GLN A 194 29.52 -0.28 1.63
N LEU A 195 28.92 0.74 2.23
CA LEU A 195 27.70 1.33 1.66
C LEU A 195 27.85 2.79 1.28
N GLY A 196 28.88 3.46 1.79
CA GLY A 196 29.10 4.85 1.42
C GLY A 196 28.28 5.79 2.30
N LEU A 197 28.17 7.03 1.86
CA LEU A 197 27.51 8.07 2.62
C LEU A 197 26.92 9.01 1.56
N PRO A 198 25.70 9.52 1.77
CA PRO A 198 24.86 9.27 2.91
C PRO A 198 24.37 7.83 2.95
N LEU A 199 23.78 7.47 4.09
CA LEU A 199 23.21 6.16 4.31
C LEU A 199 21.76 6.43 4.61
N PHE A 200 20.86 5.64 4.01
CA PHE A 200 19.46 5.82 4.30
C PHE A 200 19.04 4.81 5.34
N VAL A 201 18.54 5.31 6.45
CA VAL A 201 18.17 4.43 7.56
C VAL A 201 16.65 4.34 7.72
N LYS A 202 16.14 3.10 7.68
CA LYS A 202 14.68 2.93 7.67
C LYS A 202 14.19 1.70 8.39
N PRO A 203 13.01 1.80 8.99
CA PRO A 203 12.43 0.59 9.53
C PRO A 203 12.00 -0.34 8.37
N ALA A 204 12.08 -1.63 8.55
CA ALA A 204 11.66 -2.57 7.53
C ALA A 204 10.18 -2.55 7.26
N ASN A 205 9.41 -2.43 8.33
CA ASN A 205 7.99 -2.68 8.38
C ASN A 205 7.09 -1.49 8.40
N GLN A 206 7.59 -0.40 7.90
CA GLN A 206 6.77 0.71 7.46
C GLN A 206 5.83 1.47 8.44
N GLY A 207 4.58 1.61 7.99
CA GLY A 207 3.72 2.62 8.56
C GLY A 207 4.53 3.86 8.24
N SER A 208 5.23 3.72 7.14
CA SER A 208 6.50 4.38 6.83
C SER A 208 6.59 5.74 6.16
N SER A 209 7.78 6.31 6.27
CA SER A 209 7.99 7.73 6.14
C SER A 209 8.32 8.17 7.57
N VAL A 210 7.98 7.31 8.53
CA VAL A 210 8.36 7.53 9.92
C VAL A 210 9.59 6.76 10.17
N GLY A 211 10.49 7.33 10.94
CA GLY A 211 11.80 6.71 11.23
C GLY A 211 12.82 6.65 10.09
N VAL A 212 12.57 7.38 8.99
CA VAL A 212 13.50 7.43 7.85
C VAL A 212 14.48 8.59 7.96
N SER A 213 15.77 8.28 7.99
CA SER A 213 16.78 9.33 8.18
C SER A 213 17.83 9.23 7.10
N GLN A 214 18.14 10.37 6.51
CA GLN A 214 19.33 10.47 5.71
C GLN A 214 20.49 10.83 6.66
N VAL A 215 21.39 9.87 6.92
CA VAL A 215 22.54 10.17 7.75
C VAL A 215 23.73 10.61 6.91
N ARG A 216 24.18 11.84 7.14
CA ARG A 216 25.15 12.52 6.25
C ARG A 216 26.61 12.32 6.66
N THR A 217 26.81 12.12 7.96
CA THR A 217 28.14 11.91 8.54
C THR A 217 28.04 10.72 9.46
N ALA A 218 29.18 10.16 9.83
CA ALA A 218 29.24 8.99 10.68
C ALA A 218 28.61 9.20 12.05
N ASP A 219 28.62 10.45 12.52
CA ASP A 219 28.09 10.81 13.84
C ASP A 219 26.59 10.78 13.94
N ALA A 220 25.92 11.07 12.81
CA ALA A 220 24.47 11.06 12.79
C ALA A 220 23.90 9.63 12.90
N PHE A 221 24.72 8.61 12.78
CA PHE A 221 24.22 7.27 12.50
C PHE A 221 23.57 6.64 13.70
N ALA A 222 24.19 6.81 14.85
CA ALA A 222 23.74 6.15 16.06
C ALA A 222 22.33 6.54 16.39
N ALA A 223 22.04 7.83 16.26
CA ALA A 223 20.75 8.39 16.57
C ALA A 223 19.66 7.92 15.57
N ALA A 224 20.03 7.76 14.29
CA ALA A 224 19.09 7.28 13.25
C ALA A 224 18.69 5.84 13.54
N LEU A 225 19.68 5.03 13.87
CA LEU A 225 19.43 3.68 14.28
C LEU A 225 18.48 3.58 15.48
N ALA A 226 18.69 4.41 16.48
CA ALA A 226 17.82 4.36 17.61
C ALA A 226 16.41 4.74 17.27
N LEU A 227 16.24 5.78 16.46
CA LEU A 227 14.91 6.27 16.09
C LEU A 227 14.12 5.22 15.31
N ALA A 228 14.80 4.52 14.41
CA ALA A 228 14.18 3.54 13.58
C ALA A 228 13.72 2.39 14.41
N LEU A 229 14.57 2.03 15.33
CA LEU A 229 14.29 0.93 16.23
C LEU A 229 13.16 1.25 17.21
N ALA A 230 12.75 2.51 17.30
CA ALA A 230 11.58 2.82 18.08
C ALA A 230 10.31 2.38 17.36
N TYR A 231 10.41 2.24 16.05
CA TYR A 231 9.23 2.01 15.21
C TYR A 231 9.11 0.59 14.68
N ASP A 232 10.20 -0.17 14.67
CA ASP A 232 10.15 -1.57 14.21
C ASP A 232 11.25 -2.41 14.87
N HIS A 233 11.10 -3.72 14.82
CA HIS A 233 12.17 -4.65 15.25
C HIS A 233 13.33 -4.85 14.26
N LYS A 234 13.14 -4.41 13.01
CA LYS A 234 14.17 -4.45 11.98
C LYS A 234 14.29 -3.11 11.29
N VAL A 235 15.54 -2.76 10.95
CA VAL A 235 15.84 -1.47 10.42
C VAL A 235 16.80 -1.75 9.31
N LEU A 236 16.58 -1.11 8.18
CA LEU A 236 17.46 -1.28 7.03
C LEU A 236 18.39 -0.08 7.03
N VAL A 237 19.61 -0.31 6.57
CA VAL A 237 20.57 0.77 6.35
C VAL A 237 21.04 0.56 4.93
N GLU A 238 20.66 1.47 4.02
CA GLU A 238 20.94 1.32 2.60
C GLU A 238 21.96 2.33 2.12
N ALA A 239 22.72 1.96 1.09
CA ALA A 239 23.51 2.92 0.27
C ALA A 239 22.59 3.89 -0.48
N ALA A 240 23.10 5.06 -0.82
CA ALA A 240 22.37 6.05 -1.62
C ALA A 240 22.28 5.58 -3.04
N VAL A 241 21.11 5.76 -3.63
CA VAL A 241 21.00 5.52 -5.04
C VAL A 241 20.85 6.90 -5.62
N ALA A 242 21.79 7.28 -6.47
CA ALA A 242 21.71 8.53 -7.19
C ALA A 242 20.94 8.23 -8.46
N GLY A 243 19.89 8.98 -8.69
CA GLY A 243 19.03 8.70 -9.84
C GLY A 243 17.65 9.30 -9.64
N ARG A 244 16.93 9.45 -10.75
CA ARG A 244 15.62 10.09 -10.72
C ARG A 244 14.58 9.09 -10.19
N GLU A 245 13.54 9.64 -9.55
CA GLU A 245 12.54 8.87 -8.83
C GLU A 245 11.34 8.73 -9.70
N ILE A 246 11.13 7.53 -10.19
CA ILE A 246 9.97 7.24 -11.07
C ILE A 246 8.99 6.32 -10.31
N GLU A 247 7.70 6.54 -10.49
CA GLU A 247 6.61 5.75 -9.92
C GLU A 247 5.76 5.18 -11.05
N CYS A 248 5.37 3.92 -10.93
CA CYS A 248 4.63 3.23 -11.96
C CYS A 248 3.48 2.42 -11.35
N ALA A 249 2.26 2.66 -11.83
CA ALA A 249 1.06 1.93 -11.32
C ALA A 249 0.90 0.57 -11.95
N VAL A 250 0.61 -0.44 -11.15
CA VAL A 250 0.33 -1.80 -11.64
C VAL A 250 -1.07 -2.28 -11.26
N LEU A 251 -1.72 -2.92 -12.20
CA LEU A 251 -3.05 -3.45 -12.04
C LEU A 251 -3.26 -4.87 -12.57
N GLY A 252 -4.17 -5.60 -11.97
CA GLY A 252 -4.49 -6.99 -12.23
C GLY A 252 -3.84 -8.13 -11.49
N ASN A 253 -4.24 -9.35 -11.78
CA ASN A 253 -3.70 -10.46 -11.02
C ASN A 253 -2.72 -11.33 -11.79
N ALA A 254 -3.21 -12.25 -12.59
CA ALA A 254 -2.35 -13.07 -13.41
C ALA A 254 -1.53 -12.37 -14.49
N VAL A 255 -2.12 -11.42 -15.16
CA VAL A 255 -1.39 -10.73 -16.15
C VAL A 255 -1.52 -9.27 -15.88
N PRO A 256 -0.58 -8.75 -15.14
CA PRO A 256 -0.66 -7.38 -14.67
C PRO A 256 -0.33 -6.41 -15.78
N HIS A 257 -0.94 -5.22 -15.76
CA HIS A 257 -0.56 -4.15 -16.69
C HIS A 257 0.02 -2.97 -15.94
N ALA A 258 0.88 -2.24 -16.63
CA ALA A 258 1.60 -1.10 -16.08
C ALA A 258 1.13 0.24 -16.71
N SER A 259 0.91 1.25 -15.86
CA SER A 259 0.49 2.57 -16.28
C SER A 259 1.67 3.25 -16.93
N VAL A 260 1.45 4.43 -17.50
CA VAL A 260 2.57 5.29 -17.85
C VAL A 260 3.28 5.66 -16.54
N CYS A 261 4.54 6.05 -16.66
CA CYS A 261 5.35 6.44 -15.53
C CYS A 261 5.15 7.88 -15.12
N GLY A 262 5.60 8.19 -13.92
CA GLY A 262 5.41 9.50 -13.29
C GLY A 262 6.70 9.85 -12.61
N GLU A 263 7.14 11.10 -12.71
CA GLU A 263 8.43 11.43 -12.12
C GLU A 263 8.26 12.26 -10.89
N VAL A 264 9.02 11.92 -9.84
CA VAL A 264 9.05 12.73 -8.64
C VAL A 264 10.21 13.76 -8.64
N VAL A 265 9.86 15.03 -8.42
CA VAL A 265 10.86 16.11 -8.39
C VAL A 265 10.80 16.93 -7.10
N VAL A 266 11.93 17.04 -6.40
CA VAL A 266 12.09 18.06 -5.31
C VAL A 266 13.49 18.68 -5.27
N GLU A 284 5.92 17.49 -5.77
CA GLU A 284 5.85 17.82 -7.20
C GLU A 284 6.05 16.56 -8.03
N ILE A 285 4.96 16.03 -8.56
CA ILE A 285 4.99 14.83 -9.37
C ILE A 285 4.73 15.21 -10.79
N VAL A 286 5.52 14.73 -11.73
CA VAL A 286 5.16 15.01 -13.11
C VAL A 286 4.74 13.80 -13.90
N ILE A 287 3.56 13.87 -14.43
CA ILE A 287 3.01 12.84 -15.23
C ILE A 287 2.65 13.46 -16.54
N PRO A 288 2.96 12.85 -17.65
CA PRO A 288 3.81 11.64 -17.79
C PRO A 288 5.28 11.99 -17.69
N ALA A 289 6.01 11.25 -16.86
CA ALA A 289 7.46 11.48 -16.66
C ALA A 289 8.18 11.84 -17.97
N ASP A 290 9.16 12.73 -17.89
CA ASP A 290 9.95 13.05 -19.09
C ASP A 290 11.07 12.06 -19.36
N ILE A 291 10.70 10.91 -19.92
CA ILE A 291 11.70 9.91 -20.23
C ILE A 291 11.40 9.28 -21.58
N ASP A 292 12.34 8.50 -22.04
CA ASP A 292 12.26 7.74 -23.26
C ASP A 292 11.11 6.76 -23.30
N ALA A 293 10.56 6.47 -24.45
CA ALA A 293 9.57 5.44 -24.55
C ALA A 293 10.22 4.11 -24.21
N GLN A 294 11.48 3.98 -24.52
CA GLN A 294 12.22 2.72 -24.31
C GLN A 294 12.59 2.48 -22.84
N THR A 295 12.88 3.57 -22.15
CA THR A 295 13.18 3.59 -20.73
C THR A 295 11.88 3.47 -19.97
N GLN A 296 10.81 4.09 -20.45
CA GLN A 296 9.53 3.84 -19.85
C GLN A 296 9.13 2.36 -20.00
N GLN A 297 9.32 1.79 -21.19
CA GLN A 297 8.82 0.44 -21.44
C GLN A 297 9.53 -0.48 -20.47
N ARG A 298 10.82 -0.25 -20.26
CA ARG A 298 11.49 -1.17 -19.41
C ARG A 298 11.28 -0.95 -17.90
N ILE A 299 10.94 0.27 -17.48
CA ILE A 299 10.45 0.47 -16.11
C ILE A 299 9.12 -0.25 -15.87
N GLN A 300 8.27 -0.26 -16.90
CA GLN A 300 7.01 -0.96 -16.89
C GLN A 300 7.19 -2.46 -16.67
N GLN A 301 8.18 -3.04 -17.37
CA GLN A 301 8.47 -4.47 -17.24
C GLN A 301 9.12 -4.80 -15.90
N ILE A 302 9.98 -3.89 -15.43
CA ILE A 302 10.54 -4.06 -14.08
C ILE A 302 9.42 -4.04 -13.03
N ALA A 303 8.55 -3.07 -13.11
CA ALA A 303 7.38 -2.99 -12.22
C ALA A 303 6.53 -4.26 -12.20
N VAL A 304 6.23 -4.81 -13.37
CA VAL A 304 5.52 -6.08 -13.49
C VAL A 304 6.29 -7.28 -12.93
N GLN A 305 7.57 -7.41 -13.30
CA GLN A 305 8.38 -8.48 -12.77
C GLN A 305 8.46 -8.37 -11.22
N ALA A 306 8.56 -7.17 -10.68
CA ALA A 306 8.64 -6.99 -9.22
C ALA A 306 7.33 -7.40 -8.54
N TYR A 307 6.26 -6.99 -9.17
CA TYR A 307 4.89 -7.27 -8.72
C TYR A 307 4.71 -8.78 -8.67
N GLN A 308 5.19 -9.47 -9.69
CA GLN A 308 5.06 -10.93 -9.72
C GLN A 308 5.99 -11.67 -8.77
N ALA A 309 7.24 -11.21 -8.64
CA ALA A 309 8.16 -11.87 -7.72
C ALA A 309 7.61 -11.83 -6.28
N LEU A 310 6.99 -10.72 -5.90
CA LEU A 310 6.48 -10.55 -4.53
C LEU A 310 5.08 -11.16 -4.33
N GLY A 311 4.49 -11.62 -5.42
CA GLY A 311 3.17 -12.16 -5.43
C GLY A 311 2.00 -11.28 -5.11
N CYS A 312 2.06 -10.07 -5.61
CA CYS A 312 1.03 -9.09 -5.49
C CYS A 312 -0.18 -9.41 -6.31
N ALA A 313 -1.30 -8.87 -5.91
CA ALA A 313 -2.54 -8.91 -6.65
C ALA A 313 -3.33 -7.61 -6.62
N GLY A 314 -4.15 -7.45 -7.62
CA GLY A 314 -4.99 -6.31 -7.84
C GLY A 314 -4.32 -5.02 -8.20
N MET A 315 -3.57 -4.49 -7.25
CA MET A 315 -2.88 -3.22 -7.32
C MET A 315 -1.56 -3.10 -6.57
N ALA A 316 -0.69 -2.29 -7.14
CA ALA A 316 0.51 -1.80 -6.50
C ALA A 316 1.06 -0.57 -7.16
N ARG A 317 1.74 0.25 -6.38
CA ARG A 317 2.61 1.28 -6.95
C ARG A 317 4.05 0.88 -6.72
N VAL A 318 4.81 0.85 -7.82
CA VAL A 318 6.22 0.53 -7.79
C VAL A 318 7.06 1.84 -7.99
N ASP A 319 7.95 2.06 -7.04
CA ASP A 319 8.80 3.29 -6.98
C ASP A 319 10.22 2.80 -7.25
N VAL A 320 10.79 3.33 -8.31
CA VAL A 320 12.14 2.99 -8.68
C VAL A 320 12.99 4.26 -8.79
N PHE A 321 14.27 4.03 -8.92
CA PHE A 321 15.23 5.05 -9.15
C PHE A 321 15.72 4.85 -10.55
N LEU A 322 15.90 5.92 -11.29
CA LEU A 322 16.51 5.77 -12.59
C LEU A 322 17.86 6.43 -12.64
N CYS A 323 18.84 5.59 -12.83
CA CYS A 323 20.23 5.96 -12.84
C CYS A 323 20.65 6.61 -14.17
N ALA A 324 21.80 7.24 -14.17
CA ALA A 324 22.36 7.88 -15.32
C ALA A 324 22.61 6.83 -16.37
N ASP A 325 22.78 5.60 -15.89
CA ASP A 325 23.34 4.48 -16.64
C ASP A 325 22.61 3.96 -17.88
N GLY A 326 21.27 3.80 -17.84
CA GLY A 326 20.43 4.02 -16.71
C GLY A 326 19.90 2.70 -16.25
N ARG A 327 20.51 2.18 -15.22
CA ARG A 327 20.05 1.00 -14.56
C ARG A 327 18.79 1.42 -13.85
N ILE A 328 17.93 0.46 -13.58
CA ILE A 328 16.76 0.69 -12.77
C ILE A 328 16.80 -0.04 -11.43
N VAL A 329 16.76 0.71 -10.35
CA VAL A 329 16.74 0.15 -9.02
C VAL A 329 15.42 0.40 -8.28
N ILE A 330 14.80 -0.70 -7.85
CA ILE A 330 13.51 -0.64 -7.18
C ILE A 330 13.72 -0.16 -5.75
N ASN A 331 13.05 0.93 -5.38
CA ASN A 331 13.04 1.40 -3.97
C ASN A 331 11.99 0.65 -3.16
N GLU A 332 10.75 0.71 -3.63
CA GLU A 332 9.56 0.25 -2.92
C GLU A 332 8.50 -0.41 -3.82
N VAL A 333 7.84 -1.43 -3.31
CA VAL A 333 6.58 -1.88 -3.85
C VAL A 333 5.49 -1.70 -2.83
N ASN A 334 4.55 -0.82 -3.12
CA ASN A 334 3.47 -0.48 -2.20
C ASN A 334 2.17 -1.12 -2.66
N THR A 335 1.66 -2.01 -1.83
CA THR A 335 0.43 -2.73 -2.08
C THR A 335 -0.80 -1.97 -1.68
N LEU A 336 -0.63 -0.90 -0.97
CA LEU A 336 -1.74 -0.04 -0.64
C LEU A 336 -1.53 1.44 -1.11
N PRO A 337 -1.72 1.71 -2.41
CA PRO A 337 -1.52 3.10 -2.89
C PRO A 337 -2.67 4.06 -2.50
N GLY A 338 -2.48 5.36 -2.70
CA GLY A 338 -3.54 6.35 -2.33
C GLY A 338 -4.70 6.27 -3.31
N PHE A 339 -5.92 6.51 -2.86
CA PHE A 339 -7.05 6.59 -3.78
C PHE A 339 -7.83 7.88 -3.65
N THR A 340 -7.17 8.98 -3.40
CA THR A 340 -7.90 10.21 -3.54
C THR A 340 -7.81 10.51 -5.02
N ARG A 341 -8.63 11.47 -5.47
CA ARG A 341 -8.50 12.09 -6.81
C ARG A 341 -7.07 12.52 -7.06
N ILE A 342 -6.46 13.26 -6.11
CA ILE A 342 -5.04 13.71 -6.23
C ILE A 342 -3.89 12.67 -5.93
N SER A 343 -4.22 11.43 -5.58
CA SER A 343 -3.21 10.41 -5.33
C SER A 343 -2.53 9.96 -6.62
N VAL A 344 -1.24 9.66 -6.51
CA VAL A 344 -0.44 9.33 -7.69
C VAL A 344 -0.98 8.09 -8.40
N TYR A 345 -1.41 7.06 -7.66
CA TYR A 345 -1.80 5.81 -8.37
C TYR A 345 -2.96 5.97 -9.43
N PRO A 346 -4.10 6.53 -9.01
CA PRO A 346 -5.20 6.74 -9.97
C PRO A 346 -4.85 7.81 -11.03
N LYS A 347 -4.08 8.83 -10.63
CA LYS A 347 -3.57 9.80 -11.59
C LYS A 347 -2.75 9.11 -12.71
N LEU A 348 -1.95 8.09 -12.38
CA LEU A 348 -1.09 7.43 -13.37
C LEU A 348 -1.92 6.64 -14.35
N TRP A 349 -3.03 6.09 -13.87
CA TRP A 349 -3.87 5.30 -14.70
C TRP A 349 -4.72 6.21 -15.59
N GLN A 350 -5.26 7.29 -15.01
CA GLN A 350 -5.95 8.35 -15.75
C GLN A 350 -5.11 8.68 -17.01
N ALA A 351 -3.85 9.04 -16.76
CA ALA A 351 -2.87 9.37 -17.80
C ALA A 351 -2.57 8.23 -18.73
N SER A 352 -3.13 7.05 -18.46
CA SER A 352 -2.96 5.85 -19.27
C SER A 352 -4.25 5.49 -19.94
N GLY A 353 -5.27 6.30 -19.74
CA GLY A 353 -6.51 6.06 -20.44
C GLY A 353 -7.42 5.15 -19.66
N LEU A 354 -7.26 5.15 -18.32
CA LEU A 354 -8.21 4.45 -17.45
C LEU A 354 -8.72 5.40 -16.40
N ASP A 355 -10.00 5.72 -16.43
CA ASP A 355 -10.48 6.67 -15.43
C ASP A 355 -10.85 6.04 -14.08
N TYR A 356 -10.99 6.93 -13.10
CA TYR A 356 -11.16 6.60 -11.72
C TYR A 356 -12.27 5.57 -11.48
N ARG A 357 -13.42 5.80 -12.11
CA ARG A 357 -14.56 4.89 -12.07
C ARG A 357 -14.13 3.55 -12.57
N GLY A 358 -13.56 3.53 -13.77
CA GLY A 358 -13.10 2.30 -14.42
C GLY A 358 -12.09 1.52 -13.60
N LEU A 359 -11.22 2.25 -12.90
CA LEU A 359 -10.16 1.67 -12.01
C LEU A 359 -10.81 0.88 -10.88
N ILE A 360 -11.69 1.55 -10.14
CA ILE A 360 -12.47 0.98 -9.02
C ILE A 360 -13.18 -0.29 -9.38
N THR A 361 -13.97 -0.22 -10.46
CA THR A 361 -14.69 -1.36 -11.03
C THR A 361 -13.78 -2.51 -11.40
N ARG A 362 -12.67 -2.21 -12.08
CA ARG A 362 -11.71 -3.27 -12.41
C ARG A 362 -11.13 -3.94 -11.15
N LEU A 363 -10.80 -3.14 -10.15
CA LEU A 363 -10.25 -3.68 -8.88
C LEU A 363 -11.27 -4.60 -8.23
N ILE A 364 -12.53 -4.18 -8.23
CA ILE A 364 -13.60 -5.07 -7.76
C ILE A 364 -13.64 -6.39 -8.58
N GLU A 365 -13.57 -6.30 -9.90
CA GLU A 365 -13.69 -7.53 -10.70
C GLU A 365 -12.53 -8.45 -10.43
N LEU A 366 -11.36 -7.84 -10.25
CA LEU A 366 -10.15 -8.58 -9.92
C LEU A 366 -10.31 -9.37 -8.61
N ALA A 367 -10.89 -8.72 -7.63
CA ALA A 367 -11.13 -9.31 -6.32
C ALA A 367 -12.09 -10.48 -6.43
N LEU A 368 -13.17 -10.32 -7.21
CA LEU A 368 -14.11 -11.43 -7.42
C LEU A 368 -13.51 -12.59 -8.22
N GLU A 369 -12.78 -12.31 -9.30
CA GLU A 369 -12.13 -13.40 -10.05
C GLU A 369 -11.20 -14.21 -9.15
N ARG A 370 -10.40 -13.51 -8.34
CA ARG A 370 -9.46 -14.23 -7.51
C ARG A 370 -10.20 -15.10 -6.53
N HIS A 371 -11.27 -14.56 -5.96
CA HIS A 371 -12.00 -15.28 -4.95
C HIS A 371 -12.60 -16.56 -5.53
N THR A 372 -13.21 -16.45 -6.70
CA THR A 372 -13.79 -17.68 -7.33
C THR A 372 -12.74 -18.72 -7.77
N ASP A 373 -11.57 -18.29 -8.28
CA ASP A 373 -10.45 -19.22 -8.49
C ASP A 373 -9.95 -19.80 -7.17
N ASP A 374 -9.90 -18.99 -6.12
CA ASP A 374 -9.44 -19.48 -4.83
C ASP A 374 -10.46 -20.47 -4.27
N GLN A 375 -11.69 -20.40 -4.79
CA GLN A 375 -12.84 -21.14 -4.21
C GLN A 375 -12.67 -22.61 -4.33
N LEU A 376 -12.41 -23.03 -5.56
CA LEU A 376 -12.22 -24.41 -5.96
C LEU A 376 -11.08 -25.13 -5.20
N LEU A 377 -9.86 -24.59 -5.25
CA LEU A 377 -8.75 -25.18 -4.49
C LEU A 377 -8.69 -24.67 -3.06
PG ANP B . 7.53 7.93 1.41
O1G ANP B . 6.08 8.38 1.52
O2G ANP B . 8.53 9.07 1.35
O3G ANP B . 7.78 6.81 0.41
PB ANP B . 8.57 5.64 2.97
O1B ANP B . 8.65 5.26 4.42
O2B ANP B . 7.92 4.62 2.05
N3B ANP B . 7.76 7.17 2.94
PA ANP B . 10.99 5.65 1.31
O1A ANP B . 11.54 4.26 1.49
O2A ANP B . 10.21 6.03 0.06
O3A ANP B . 10.14 5.93 2.64
O5' ANP B . 12.13 6.79 1.46
C5' ANP B . 11.76 8.18 1.45
C4' ANP B . 12.49 9.00 0.39
O4' ANP B . 13.88 9.09 0.73
C3' ANP B . 12.47 8.45 -1.04
O3' ANP B . 11.35 8.91 -1.80
C2' ANP B . 13.77 8.99 -1.61
O2' ANP B . 13.64 10.40 -1.94
C1' ANP B . 14.71 8.92 -0.43
N9 ANP B . 15.48 7.64 -0.34
C8 ANP B . 15.15 6.57 0.41
N7 ANP B . 16.08 5.58 0.33
C5 ANP B . 17.03 6.00 -0.53
C6 ANP B . 18.30 5.44 -1.09
N6 ANP B . 18.76 4.20 -0.76
N1 ANP B . 18.98 6.23 -1.96
C2 ANP B . 18.55 7.48 -2.33
N3 ANP B . 17.42 8.04 -1.84
C4 ANP B . 16.64 7.36 -0.95
MG MG C . 8.72 5.12 -1.99
#